data_5AOV
#
_entry.id   5AOV
#
_cell.length_a   114.579
_cell.length_b   114.579
_cell.length_c   118.123
_cell.angle_alpha   90.00
_cell.angle_beta   90.00
_cell.angle_gamma   90.00
#
_symmetry.space_group_name_H-M   'I 41'
#
loop_
_entity.id
_entity.type
_entity.pdbx_description
1 polymer 'GLYOXYLATE REDUCTASE'
2 non-polymer 'NADP NICOTINAMIDE-ADENINE-DINUCLEOTIDE PHOSPHATE'
3 non-polymer 'GLYOXYLIC ACID'
4 non-polymer 'PENTAETHYLENE GLYCOL'
5 non-polymer 1,2-ETHANEDIOL
6 non-polymer 'ACETIC ACID'
7 water water
#
_entity_poly.entity_id   1
_entity_poly.type   'polypeptide(L)'
_entity_poly.pdbx_seq_one_letter_code
;MKPKVFITRAIPENGINMLEEEFEVEVWEEEREIPREKLLEKVKDVDALVTMLSERIDQEVFENAPRLRIVANYAVGYDN
IDVEEATRRGIYVTNTPDVLTNATADHAFALLLATARHVVKGDKFVRSGEWKRKGIAWHPKWFLGYELYGKTIGIVGFGR
IGQAIARRAKGFNMRILYYSRTRKSQAEKELGAEYRPLEEVLKESDFVILAVPLTKETMYMINEERLKLMKPTAILVNIA
RGKVVDTKALIKALKEGWIAGAGLDVFEEEPYYNEELFSLDNVVLTPHIGSATFEAREAMAELVARNLIAFKRGEIPPTL
VNKEVIKIRKPGFNEQ
;
_entity_poly.pdbx_strand_id   A
#
# COMPACT_ATOMS: atom_id res chain seq x y z
N MET A 1 -23.38 15.27 22.97
CA MET A 1 -23.27 16.68 22.48
C MET A 1 -22.06 16.85 21.55
N LYS A 2 -20.99 16.05 21.76
CA LYS A 2 -19.87 16.09 20.83
C LYS A 2 -20.27 15.20 19.67
N PRO A 3 -19.77 15.46 18.46
CA PRO A 3 -19.99 14.54 17.37
C PRO A 3 -19.39 13.16 17.70
N LYS A 4 -19.90 12.15 17.02
CA LYS A 4 -19.54 10.76 17.29
C LYS A 4 -18.71 10.21 16.17
N VAL A 5 -17.59 9.57 16.51
CA VAL A 5 -16.76 8.86 15.56
C VAL A 5 -16.63 7.39 15.96
N PHE A 6 -16.76 6.51 14.96
CA PHE A 6 -16.45 5.06 15.15
C PHE A 6 -15.16 4.78 14.43
N ILE A 7 -14.24 4.17 15.16
CA ILE A 7 -12.93 3.77 14.68
C ILE A 7 -12.90 2.24 14.56
N THR A 8 -12.66 1.70 13.38
CA THR A 8 -12.87 0.28 13.15
C THR A 8 -11.74 -0.60 13.53
N ARG A 9 -10.76 -0.10 14.26
CA ARG A 9 -9.59 -0.89 14.59
C ARG A 9 -8.80 -0.25 15.71
N ALA A 10 -7.97 -1.03 16.39
CA ALA A 10 -7.15 -0.58 17.51
C ALA A 10 -5.88 0.17 17.03
N ILE A 11 -6.14 1.37 16.54
CA ILE A 11 -5.05 2.25 16.11
C ILE A 11 -4.37 2.83 17.37
N PRO A 12 -3.19 3.46 17.18
CA PRO A 12 -2.47 4.00 18.34
C PRO A 12 -3.26 4.97 19.19
N GLU A 13 -2.99 4.88 20.49
N GLU A 13 -2.96 4.88 20.49
CA GLU A 13 -3.72 5.63 21.50
CA GLU A 13 -3.70 5.62 21.50
C GLU A 13 -3.59 7.13 21.33
C GLU A 13 -3.54 7.14 21.41
N ASN A 14 -2.46 7.61 20.81
CA ASN A 14 -2.26 9.04 20.61
C ASN A 14 -3.40 9.63 19.80
N GLY A 15 -3.77 8.95 18.72
CA GLY A 15 -4.84 9.44 17.88
C GLY A 15 -6.19 9.32 18.54
N ILE A 16 -6.41 8.23 19.25
CA ILE A 16 -7.67 8.01 19.99
C ILE A 16 -7.80 9.12 21.02
N ASN A 17 -6.72 9.43 21.78
CA ASN A 17 -6.79 10.42 22.82
C ASN A 17 -7.07 11.81 22.24
N MET A 18 -6.43 12.15 21.11
CA MET A 18 -6.72 13.43 20.45
C MET A 18 -8.20 13.52 20.10
N LEU A 19 -8.72 12.45 19.55
CA LEU A 19 -10.16 12.46 19.17
C LEU A 19 -11.11 12.50 20.34
N GLU A 20 -10.76 11.87 21.46
CA GLU A 20 -11.63 11.91 22.64
C GLU A 20 -11.84 13.30 23.20
N GLU A 21 -10.90 14.23 22.94
CA GLU A 21 -11.10 15.61 23.36
C GLU A 21 -12.21 16.32 22.63
N GLU A 22 -12.52 15.84 21.44
CA GLU A 22 -13.41 16.58 20.51
C GLU A 22 -14.63 15.76 20.05
N PHE A 23 -14.61 14.46 20.29
CA PHE A 23 -15.65 13.55 19.80
C PHE A 23 -16.03 12.55 20.91
N GLU A 24 -17.24 12.00 20.81
N GLU A 24 -17.24 12.02 20.83
CA GLU A 24 -17.59 10.70 21.44
CA GLU A 24 -17.57 10.71 21.43
C GLU A 24 -16.98 9.64 20.56
C GLU A 24 -16.92 9.68 20.52
N VAL A 25 -16.08 8.84 21.10
CA VAL A 25 -15.30 7.89 20.32
C VAL A 25 -15.66 6.44 20.67
N GLU A 26 -15.86 5.64 19.63
CA GLU A 26 -16.04 4.17 19.82
CA GLU A 26 -16.06 4.21 19.87
C GLU A 26 -14.92 3.54 19.04
N VAL A 27 -14.24 2.55 19.64
CA VAL A 27 -13.13 1.87 19.00
C VAL A 27 -13.33 0.37 19.03
N TRP A 28 -13.35 -0.25 17.84
CA TRP A 28 -13.34 -1.73 17.75
C TRP A 28 -11.97 -2.24 18.17
N GLU A 29 -11.92 -2.92 19.27
CA GLU A 29 -10.67 -3.28 19.93
CA GLU A 29 -10.68 -3.30 19.98
C GLU A 29 -10.23 -4.71 19.67
N GLU A 30 -11.07 -5.54 19.04
CA GLU A 30 -10.74 -6.94 18.88
C GLU A 30 -9.63 -7.19 17.86
N GLU A 31 -8.99 -8.35 18.05
CA GLU A 31 -7.93 -8.77 17.09
C GLU A 31 -8.55 -8.97 15.71
N ARG A 32 -9.65 -9.68 15.63
CA ARG A 32 -10.33 -9.86 14.37
C ARG A 32 -10.93 -8.61 13.82
N GLU A 33 -11.08 -8.55 12.50
CA GLU A 33 -11.72 -7.44 11.84
C GLU A 33 -13.24 -7.39 12.15
N ILE A 34 -13.80 -6.20 12.07
CA ILE A 34 -15.23 -6.09 12.39
C ILE A 34 -16.05 -6.80 11.28
N PRO A 35 -17.01 -7.64 11.66
CA PRO A 35 -17.84 -8.31 10.64
C PRO A 35 -18.65 -7.27 9.90
N ARG A 36 -18.92 -7.55 8.64
CA ARG A 36 -19.72 -6.65 7.81
C ARG A 36 -21.08 -6.24 8.49
N GLU A 37 -21.84 -7.16 9.06
N GLU A 37 -21.87 -7.15 9.02
CA GLU A 37 -23.14 -6.85 9.62
CA GLU A 37 -23.16 -6.81 9.61
C GLU A 37 -23.00 -5.92 10.83
C GLU A 37 -22.96 -5.85 10.79
N LYS A 38 -21.90 -6.08 11.56
CA LYS A 38 -21.64 -5.22 12.68
C LYS A 38 -21.23 -3.80 12.25
N LEU A 39 -20.44 -3.70 11.19
CA LEU A 39 -20.12 -2.42 10.61
C LEU A 39 -21.40 -1.69 10.25
N LEU A 40 -22.32 -2.35 9.55
CA LEU A 40 -23.56 -1.69 9.19
C LEU A 40 -24.40 -1.26 10.35
N GLU A 41 -24.38 -2.02 11.43
CA GLU A 41 -25.11 -1.65 12.65
CA GLU A 41 -25.11 -1.66 12.63
C GLU A 41 -24.45 -0.42 13.29
N LYS A 42 -23.15 -0.44 13.43
CA LYS A 42 -22.46 0.56 14.18
C LYS A 42 -22.46 1.94 13.54
N VAL A 43 -22.61 2.02 12.21
CA VAL A 43 -22.58 3.33 11.56
C VAL A 43 -23.94 4.05 11.65
N LYS A 44 -24.97 3.50 12.29
CA LYS A 44 -26.32 4.04 12.26
C LYS A 44 -26.36 5.51 12.72
N ASP A 45 -25.57 5.90 13.71
CA ASP A 45 -25.68 7.26 14.25
C ASP A 45 -24.30 7.98 14.34
N VAL A 46 -23.34 7.54 13.56
CA VAL A 46 -22.03 8.18 13.60
C VAL A 46 -21.99 9.40 12.71
N ASP A 47 -21.27 10.43 13.15
CA ASP A 47 -20.99 11.62 12.30
C ASP A 47 -19.73 11.42 11.48
N ALA A 48 -18.84 10.55 11.95
CA ALA A 48 -17.52 10.35 11.34
C ALA A 48 -17.07 8.91 11.51
N LEU A 49 -16.22 8.45 10.61
CA LEU A 49 -15.68 7.11 10.65
C LEU A 49 -14.20 7.18 10.45
N VAL A 50 -13.44 6.34 11.13
CA VAL A 50 -12.05 6.04 10.78
C VAL A 50 -12.01 4.57 10.37
N THR A 51 -11.58 4.33 9.14
CA THR A 51 -11.72 3.02 8.53
C THR A 51 -10.35 2.47 8.17
N MET A 52 -10.26 1.15 8.04
CA MET A 52 -9.08 0.47 7.50
C MET A 52 -9.37 -0.01 6.11
N LEU A 53 -8.35 -0.43 5.39
CA LEU A 53 -8.57 -1.03 4.04
C LEU A 53 -9.49 -2.23 4.05
N SER A 54 -9.61 -2.90 5.18
CA SER A 54 -10.51 -4.04 5.33
C SER A 54 -11.99 -3.72 5.29
N GLU A 55 -12.37 -2.46 5.50
CA GLU A 55 -13.78 -2.09 5.46
C GLU A 55 -14.10 -1.49 4.09
N ARG A 56 -15.14 -1.99 3.45
CA ARG A 56 -15.57 -1.57 2.12
C ARG A 56 -16.61 -0.49 2.38
N ILE A 57 -16.25 0.75 2.12
CA ILE A 57 -17.11 1.88 2.37
C ILE A 57 -17.80 2.26 1.08
N ASP A 58 -18.87 1.53 0.80
CA ASP A 58 -19.60 1.58 -0.44
C ASP A 58 -20.97 2.22 -0.22
N GLN A 59 -21.75 2.23 -1.28
CA GLN A 59 -23.06 2.81 -1.21
C GLN A 59 -23.89 2.20 -0.05
N GLU A 60 -23.77 0.90 0.15
CA GLU A 60 -24.54 0.26 1.20
C GLU A 60 -24.14 0.82 2.58
N VAL A 61 -22.88 1.09 2.84
CA VAL A 61 -22.52 1.70 4.10
C VAL A 61 -23.16 3.09 4.18
N PHE A 62 -23.05 3.90 3.13
CA PHE A 62 -23.60 5.23 3.20
C PHE A 62 -25.10 5.23 3.46
N GLU A 63 -25.82 4.29 2.83
CA GLU A 63 -27.28 4.20 3.01
C GLU A 63 -27.68 3.86 4.46
N ASN A 64 -26.79 3.20 5.14
CA ASN A 64 -27.04 2.82 6.54
C ASN A 64 -26.43 3.82 7.54
N ALA A 65 -25.86 4.92 7.06
CA ALA A 65 -25.18 5.89 7.93
C ALA A 65 -25.71 7.31 7.66
N PRO A 66 -26.89 7.66 8.14
CA PRO A 66 -27.51 8.89 7.68
C PRO A 66 -26.91 10.18 8.27
N ARG A 67 -26.14 10.07 9.33
CA ARG A 67 -25.44 11.22 9.92
C ARG A 67 -24.01 11.37 9.41
N LEU A 68 -23.49 10.39 8.66
CA LEU A 68 -22.04 10.36 8.32
C LEU A 68 -21.65 11.50 7.41
N ARG A 69 -20.66 12.29 7.83
CA ARG A 69 -20.18 13.42 7.07
C ARG A 69 -18.72 13.27 6.59
N ILE A 70 -17.95 12.43 7.24
CA ILE A 70 -16.51 12.35 6.91
C ILE A 70 -16.02 10.96 7.26
N VAL A 71 -15.24 10.43 6.30
CA VAL A 71 -14.54 9.14 6.45
C VAL A 71 -13.06 9.40 6.31
N ALA A 72 -12.33 9.07 7.37
CA ALA A 72 -10.86 9.17 7.38
C ALA A 72 -10.33 7.74 7.28
N ASN A 73 -9.74 7.45 6.14
CA ASN A 73 -9.07 6.12 5.95
C ASN A 73 -7.71 6.22 6.66
N TYR A 74 -7.44 5.15 7.43
CA TYR A 74 -6.14 4.91 8.09
C TYR A 74 -5.27 4.15 7.12
N ALA A 75 -4.93 4.83 6.04
CA ALA A 75 -4.24 4.28 4.85
C ALA A 75 -4.08 5.41 3.89
N VAL A 76 -3.10 5.28 2.97
CA VAL A 76 -2.96 6.21 1.83
C VAL A 76 -3.80 5.74 0.66
N GLY A 77 -3.88 4.46 0.45
CA GLY A 77 -4.82 3.93 -0.54
C GLY A 77 -6.25 4.21 -0.09
N TYR A 78 -7.13 4.32 -1.06
CA TYR A 78 -8.56 4.48 -0.77
C TYR A 78 -9.42 3.79 -1.76
N ASP A 79 -8.90 2.72 -2.35
CA ASP A 79 -9.69 1.88 -3.24
C ASP A 79 -10.82 1.09 -2.55
N ASN A 80 -10.76 1.11 -1.21
CA ASN A 80 -11.88 0.54 -0.43
C ASN A 80 -13.04 1.46 -0.21
N ILE A 81 -13.01 2.70 -0.73
CA ILE A 81 -14.04 3.67 -0.54
C ILE A 81 -14.63 4.08 -1.87
N ASP A 82 -15.94 4.14 -1.99
CA ASP A 82 -16.58 4.66 -3.20
C ASP A 82 -16.60 6.20 -3.06
N VAL A 83 -15.50 6.80 -3.49
CA VAL A 83 -15.33 8.25 -3.30
C VAL A 83 -16.25 9.04 -4.18
N GLU A 84 -16.62 8.56 -5.37
CA GLU A 84 -17.59 9.30 -6.17
C GLU A 84 -18.93 9.39 -5.52
N GLU A 85 -19.35 8.28 -4.87
CA GLU A 85 -20.62 8.28 -4.17
C GLU A 85 -20.52 9.14 -2.90
N ALA A 86 -19.38 9.10 -2.23
CA ALA A 86 -19.20 10.00 -1.08
C ALA A 86 -19.41 11.47 -1.50
N THR A 87 -18.70 11.85 -2.58
CA THR A 87 -18.81 13.26 -3.07
C THR A 87 -20.23 13.62 -3.35
N ARG A 88 -20.94 12.75 -4.05
CA ARG A 88 -22.39 12.94 -4.30
CA ARG A 88 -22.36 12.94 -4.31
C ARG A 88 -23.24 13.31 -3.10
N ARG A 89 -22.89 12.64 -2.02
CA ARG A 89 -23.56 12.75 -0.77
C ARG A 89 -23.02 13.85 0.13
N GLY A 90 -21.99 14.58 -0.34
CA GLY A 90 -21.43 15.62 0.49
C GLY A 90 -20.51 15.09 1.62
N ILE A 91 -20.03 13.86 1.48
CA ILE A 91 -19.23 13.20 2.49
C ILE A 91 -17.75 13.36 2.12
N TYR A 92 -16.99 13.94 3.06
CA TYR A 92 -15.56 14.17 2.90
C TYR A 92 -14.80 12.87 3.13
N VAL A 93 -13.77 12.61 2.32
CA VAL A 93 -12.95 11.43 2.48
C VAL A 93 -11.49 11.90 2.59
N THR A 94 -10.79 11.40 3.62
CA THR A 94 -9.39 11.71 3.84
C THR A 94 -8.57 10.45 3.87
N ASN A 95 -7.27 10.61 3.64
CA ASN A 95 -6.31 9.52 3.72
C ASN A 95 -5.06 9.92 4.51
N THR A 96 -4.06 9.03 4.49
CA THR A 96 -2.82 9.27 5.22
C THR A 96 -1.56 9.28 4.34
N PRO A 97 -1.44 10.22 3.45
CA PRO A 97 -0.19 10.33 2.66
C PRO A 97 0.94 10.80 3.55
N ASP A 98 2.15 10.61 3.02
CA ASP A 98 3.41 11.20 3.51
C ASP A 98 4.01 10.53 4.77
N VAL A 99 3.14 10.35 5.78
CA VAL A 99 3.57 9.79 7.03
C VAL A 99 3.97 8.33 6.97
N LEU A 100 3.62 7.63 5.89
CA LEU A 100 4.02 6.27 5.67
C LEU A 100 4.90 6.09 4.44
N THR A 101 5.35 7.19 3.82
CA THR A 101 6.16 7.11 2.58
C THR A 101 7.46 6.38 2.82
N ASN A 102 8.16 6.75 3.87
CA ASN A 102 9.47 6.16 4.08
C ASN A 102 9.39 4.70 4.49
N ALA A 103 8.36 4.35 5.28
CA ALA A 103 8.21 2.94 5.66
C ALA A 103 8.00 2.09 4.43
N THR A 104 7.15 2.53 3.52
CA THR A 104 6.76 1.70 2.42
C THR A 104 7.89 1.62 1.40
N ALA A 105 8.58 2.72 1.16
CA ALA A 105 9.74 2.73 0.28
C ALA A 105 10.85 1.83 0.85
N ASP A 106 11.05 1.84 2.16
CA ASP A 106 12.00 0.90 2.77
C ASP A 106 11.58 -0.51 2.54
N HIS A 107 10.28 -0.81 2.68
CA HIS A 107 9.82 -2.19 2.52
C HIS A 107 9.92 -2.62 1.09
N ALA A 108 9.71 -1.74 0.11
CA ALA A 108 9.93 -2.07 -1.29
C ALA A 108 11.37 -2.53 -1.46
N PHE A 109 12.32 -1.80 -0.89
CA PHE A 109 13.72 -2.20 -0.99
C PHE A 109 13.99 -3.45 -0.22
N ALA A 110 13.34 -3.69 0.92
CA ALA A 110 13.50 -4.92 1.66
C ALA A 110 13.11 -6.09 0.76
N LEU A 111 11.98 -5.99 0.07
CA LEU A 111 11.51 -7.05 -0.81
C LEU A 111 12.40 -7.20 -2.03
N LEU A 112 12.83 -6.12 -2.64
CA LEU A 112 13.73 -6.15 -3.77
C LEU A 112 14.99 -6.96 -3.41
N LEU A 113 15.62 -6.55 -2.34
CA LEU A 113 16.88 -7.17 -1.93
C LEU A 113 16.71 -8.61 -1.46
N ALA A 114 15.65 -8.90 -0.71
CA ALA A 114 15.44 -10.24 -0.22
C ALA A 114 15.26 -11.18 -1.39
N THR A 115 14.51 -10.73 -2.41
CA THR A 115 14.25 -11.57 -3.59
C THR A 115 15.51 -11.68 -4.42
N ALA A 116 16.19 -10.58 -4.64
CA ALA A 116 17.38 -10.62 -5.49
C ALA A 116 18.51 -11.47 -4.91
N ARG A 117 18.57 -11.52 -3.58
CA ARG A 117 19.73 -12.18 -2.90
C ARG A 117 19.38 -13.42 -2.17
N HIS A 118 18.15 -13.91 -2.33
CA HIS A 118 17.77 -15.23 -1.77
C HIS A 118 17.79 -15.25 -0.25
N VAL A 119 17.34 -14.16 0.37
CA VAL A 119 17.40 -14.09 1.82
C VAL A 119 16.48 -15.07 2.53
N VAL A 120 15.26 -15.23 2.04
CA VAL A 120 14.29 -16.15 2.70
C VAL A 120 14.74 -17.59 2.53
N LYS A 121 15.15 -17.95 1.32
CA LYS A 121 15.60 -19.33 1.06
C LYS A 121 16.86 -19.58 1.82
N GLY A 122 17.81 -18.64 1.87
CA GLY A 122 19.01 -18.78 2.61
C GLY A 122 18.80 -18.98 4.08
N ASP A 123 17.88 -18.20 4.67
CA ASP A 123 17.58 -18.29 6.09
C ASP A 123 17.03 -19.67 6.36
N LYS A 124 16.10 -20.20 5.58
CA LYS A 124 15.55 -21.52 5.82
CA LYS A 124 15.57 -21.54 5.83
C LYS A 124 16.67 -22.58 5.76
N PHE A 125 17.59 -22.44 4.79
CA PHE A 125 18.71 -23.38 4.64
C PHE A 125 19.55 -23.43 5.89
N VAL A 126 19.86 -22.29 6.46
CA VAL A 126 20.67 -22.23 7.68
C VAL A 126 19.85 -22.73 8.88
N ARG A 127 18.68 -22.11 9.07
CA ARG A 127 17.88 -22.25 10.29
C ARG A 127 17.37 -23.69 10.54
N SER A 128 17.09 -24.37 9.41
CA SER A 128 16.62 -25.74 9.45
C SER A 128 17.69 -26.74 9.82
N GLY A 129 18.96 -26.29 9.77
CA GLY A 129 20.04 -27.21 10.00
C GLY A 129 20.53 -27.90 8.73
N GLU A 130 19.94 -27.58 7.59
CA GLU A 130 20.39 -28.24 6.37
C GLU A 130 21.79 -27.85 6.00
N TRP A 131 22.14 -26.59 6.18
CA TRP A 131 23.52 -26.17 5.93
C TRP A 131 24.50 -27.00 6.73
N LYS A 132 24.29 -27.11 8.03
CA LYS A 132 25.17 -27.94 8.83
C LYS A 132 25.15 -29.41 8.40
N ARG A 133 23.94 -29.94 8.18
CA ARG A 133 23.84 -31.37 7.90
C ARG A 133 24.60 -31.76 6.62
N LYS A 134 24.56 -30.88 5.62
CA LYS A 134 25.22 -31.19 4.34
C LYS A 134 26.72 -31.04 4.49
N GLY A 135 27.16 -30.20 5.46
CA GLY A 135 28.58 -30.22 5.79
C GLY A 135 29.49 -29.35 4.92
N ILE A 136 28.92 -28.62 4.01
CA ILE A 136 29.66 -27.80 3.05
C ILE A 136 29.53 -26.36 3.45
N ALA A 137 30.65 -25.70 3.72
CA ALA A 137 30.57 -24.31 4.18
C ALA A 137 30.08 -23.34 3.08
N TRP A 138 30.59 -23.54 1.88
CA TRP A 138 30.36 -22.58 0.81
C TRP A 138 30.71 -23.18 -0.53
N HIS A 139 30.02 -22.72 -1.57
CA HIS A 139 30.29 -23.15 -2.93
C HIS A 139 30.15 -21.92 -3.83
N PRO A 140 31.06 -21.75 -4.80
CA PRO A 140 30.99 -20.54 -5.67
C PRO A 140 29.72 -20.40 -6.44
N LYS A 141 28.94 -21.46 -6.67
CA LYS A 141 27.73 -21.39 -7.48
C LYS A 141 26.45 -21.33 -6.67
N TRP A 142 26.56 -21.33 -5.33
CA TRP A 142 25.37 -21.35 -4.51
C TRP A 142 24.79 -19.96 -4.29
N PHE A 143 23.45 -19.86 -4.31
CA PHE A 143 22.69 -18.69 -3.92
C PHE A 143 23.06 -17.43 -4.72
N LEU A 144 23.42 -17.61 -5.98
CA LEU A 144 23.82 -16.44 -6.78
C LEU A 144 22.65 -15.57 -7.10
N GLY A 145 22.79 -14.30 -6.80
CA GLY A 145 21.77 -13.30 -7.07
C GLY A 145 22.25 -12.20 -7.95
N TYR A 146 21.44 -11.14 -7.94
CA TYR A 146 21.64 -10.04 -8.93
C TYR A 146 22.15 -8.75 -8.24
N GLU A 147 23.10 -8.14 -8.92
CA GLU A 147 23.60 -6.80 -8.53
C GLU A 147 22.54 -5.75 -8.77
N LEU A 148 22.67 -4.69 -7.99
CA LEU A 148 21.92 -3.44 -8.22
C LEU A 148 22.75 -2.34 -8.82
N TYR A 149 24.03 -2.29 -8.51
CA TYR A 149 24.86 -1.17 -8.88
C TYR A 149 24.94 -1.03 -10.37
N GLY A 150 24.62 0.15 -10.89
CA GLY A 150 24.68 0.37 -12.32
C GLY A 150 23.47 -0.19 -13.11
N LYS A 151 22.57 -0.88 -12.43
CA LYS A 151 21.46 -1.57 -13.06
C LYS A 151 20.26 -0.60 -13.17
N THR A 152 19.24 -1.01 -13.92
CA THR A 152 18.12 -0.11 -14.17
C THR A 152 16.96 -0.53 -13.29
N ILE A 153 16.41 0.42 -12.54
CA ILE A 153 15.19 0.25 -11.75
C ILE A 153 14.07 0.97 -12.51
N GLY A 154 12.93 0.33 -12.68
CA GLY A 154 11.77 0.89 -13.37
C GLY A 154 10.64 1.01 -12.38
N ILE A 155 10.21 2.24 -12.14
CA ILE A 155 9.20 2.53 -11.12
C ILE A 155 7.89 2.82 -11.79
N VAL A 156 6.86 2.05 -11.53
CA VAL A 156 5.52 2.19 -12.14
C VAL A 156 4.68 2.89 -11.10
N GLY A 157 4.37 4.15 -11.30
CA GLY A 157 3.70 5.01 -10.33
C GLY A 157 4.70 5.90 -9.65
N PHE A 158 4.95 7.10 -10.14
CA PHE A 158 6.05 7.93 -9.70
C PHE A 158 5.51 9.04 -8.81
N GLY A 159 4.93 8.60 -7.68
CA GLY A 159 4.31 9.49 -6.72
C GLY A 159 5.18 9.58 -5.48
N ARG A 160 4.51 9.74 -4.33
CA ARG A 160 5.27 9.90 -3.08
CA ARG A 160 5.26 9.90 -3.08
C ARG A 160 6.17 8.71 -2.86
N ILE A 161 5.62 7.49 -2.88
CA ILE A 161 6.39 6.32 -2.61
C ILE A 161 7.31 5.98 -3.77
N GLY A 162 6.83 6.12 -4.99
CA GLY A 162 7.72 5.86 -6.11
C GLY A 162 8.95 6.73 -6.13
N GLN A 163 8.78 8.03 -5.86
CA GLN A 163 9.94 8.93 -5.81
C GLN A 163 10.83 8.60 -4.67
N ALA A 164 10.28 8.20 -3.49
CA ALA A 164 11.11 7.80 -2.39
C ALA A 164 11.90 6.50 -2.67
N ILE A 165 11.34 5.61 -3.47
CA ILE A 165 12.05 4.40 -3.90
C ILE A 165 13.19 4.86 -4.83
N ALA A 166 12.95 5.81 -5.72
CA ALA A 166 14.02 6.33 -6.58
C ALA A 166 15.09 6.96 -5.79
N ARG A 167 14.81 7.70 -4.70
CA ARG A 167 15.81 8.31 -3.88
C ARG A 167 16.75 7.25 -3.30
N ARG A 168 16.17 6.13 -2.84
CA ARG A 168 16.96 5.06 -2.30
C ARG A 168 17.78 4.43 -3.42
N ALA A 169 17.22 4.25 -4.60
CA ALA A 169 17.96 3.63 -5.72
C ALA A 169 19.18 4.46 -6.09
N LYS A 170 19.14 5.78 -5.94
CA LYS A 170 20.31 6.58 -6.22
C LYS A 170 21.52 6.23 -5.35
N GLY A 171 21.28 5.75 -4.11
CA GLY A 171 22.34 5.31 -3.27
C GLY A 171 23.07 4.04 -3.77
N PHE A 172 22.40 3.28 -4.62
CA PHE A 172 22.91 2.09 -5.29
C PHE A 172 23.40 2.41 -6.70
N ASN A 173 23.47 3.65 -7.05
CA ASN A 173 23.94 4.04 -8.39
CA ASN A 173 23.90 4.12 -8.37
C ASN A 173 23.13 3.37 -9.48
N MET A 174 21.81 3.37 -9.35
CA MET A 174 20.97 2.75 -10.37
C MET A 174 20.54 3.78 -11.42
N ARG A 175 20.32 3.32 -12.64
CA ARG A 175 19.63 4.10 -13.67
C ARG A 175 18.17 4.01 -13.41
N ILE A 176 17.51 5.18 -13.27
CA ILE A 176 16.14 5.20 -12.84
C ILE A 176 15.21 5.60 -14.00
N LEU A 177 14.29 4.70 -14.33
CA LEU A 177 13.23 4.93 -15.31
C LEU A 177 11.92 4.92 -14.56
N TYR A 178 10.93 5.65 -15.05
CA TYR A 178 9.62 5.56 -14.47
C TYR A 178 8.53 5.72 -15.50
N TYR A 179 7.39 5.15 -15.19
CA TYR A 179 6.16 5.33 -15.95
C TYR A 179 5.14 5.88 -14.95
N SER A 180 4.41 6.91 -15.31
CA SER A 180 3.43 7.53 -14.46
C SER A 180 2.42 8.23 -15.35
N ARG A 181 1.32 8.72 -14.81
CA ARG A 181 0.42 9.60 -15.55
C ARG A 181 1.06 10.93 -15.87
N THR A 182 1.92 11.37 -14.98
N THR A 182 1.86 11.43 -14.90
CA THR A 182 2.64 12.55 -15.30
CA THR A 182 2.36 12.81 -14.92
C THR A 182 4.11 12.36 -15.32
C THR A 182 3.92 12.80 -14.86
N ARG A 183 4.65 13.34 -15.90
CA ARG A 183 6.09 13.48 -15.94
C ARG A 183 6.44 14.65 -14.98
N LYS A 184 7.56 14.50 -14.24
CA LYS A 184 7.89 15.49 -13.20
C LYS A 184 9.35 15.89 -13.35
N SER A 185 9.62 17.07 -13.87
CA SER A 185 11.01 17.45 -14.12
C SER A 185 11.81 17.68 -12.85
N GLN A 186 11.17 18.13 -11.78
CA GLN A 186 11.91 18.33 -10.48
C GLN A 186 12.53 17.07 -10.05
N ALA A 187 11.71 16.02 -10.01
CA ALA A 187 12.21 14.80 -9.50
C ALA A 187 13.18 14.20 -10.49
N GLU A 188 12.97 14.47 -11.77
CA GLU A 188 13.92 14.06 -12.78
C GLU A 188 15.32 14.65 -12.57
N LYS A 189 15.39 15.93 -12.31
CA LYS A 189 16.64 16.60 -12.09
C LYS A 189 17.27 16.25 -10.73
N GLU A 190 16.48 16.09 -9.68
CA GLU A 190 17.00 15.73 -8.35
C GLU A 190 17.60 14.34 -8.36
N LEU A 191 16.93 13.41 -9.03
CA LEU A 191 17.32 12.01 -8.99
C LEU A 191 17.87 11.37 -10.22
N GLY A 192 17.92 12.09 -11.30
CA GLY A 192 18.36 11.55 -12.56
C GLY A 192 17.40 10.60 -13.21
N ALA A 193 16.12 10.69 -12.87
CA ALA A 193 15.12 9.79 -13.37
C ALA A 193 14.63 10.21 -14.74
N GLU A 194 14.16 9.25 -15.53
CA GLU A 194 13.68 9.53 -16.85
C GLU A 194 12.36 8.82 -17.08
N TYR A 195 11.38 9.53 -17.62
CA TYR A 195 10.10 8.99 -17.99
C TYR A 195 10.23 8.13 -19.24
N ARG A 196 9.56 6.98 -19.25
CA ARG A 196 9.36 6.23 -20.48
C ARG A 196 7.98 5.61 -20.49
N PRO A 197 7.47 5.31 -21.68
CA PRO A 197 6.23 4.54 -21.80
C PRO A 197 6.34 3.22 -21.02
N LEU A 198 5.23 2.72 -20.51
CA LEU A 198 5.23 1.54 -19.66
C LEU A 198 5.94 0.35 -20.28
N GLU A 199 5.67 0.08 -21.53
CA GLU A 199 6.25 -1.14 -22.10
C GLU A 199 7.79 -0.97 -22.26
N GLU A 200 8.27 0.26 -22.47
CA GLU A 200 9.72 0.50 -22.44
C GLU A 200 10.33 0.33 -21.09
N VAL A 201 9.69 0.83 -20.03
CA VAL A 201 10.15 0.57 -18.70
C VAL A 201 10.24 -0.94 -18.43
N LEU A 202 9.23 -1.70 -18.84
CA LEU A 202 9.26 -3.14 -18.56
C LEU A 202 10.36 -3.81 -19.34
N LYS A 203 10.63 -3.43 -20.58
CA LYS A 203 11.63 -4.07 -21.41
C LYS A 203 13.06 -3.80 -20.86
N GLU A 204 13.26 -2.62 -20.29
CA GLU A 204 14.64 -2.10 -20.11
C GLU A 204 15.06 -2.26 -18.61
N SER A 205 14.15 -2.59 -17.75
CA SER A 205 14.47 -2.60 -16.33
C SER A 205 15.00 -3.94 -15.83
N ASP A 206 15.92 -3.88 -14.89
CA ASP A 206 16.40 -5.07 -14.14
C ASP A 206 15.55 -5.33 -12.90
N PHE A 207 14.88 -4.30 -12.38
CA PHE A 207 14.00 -4.38 -11.24
C PHE A 207 12.79 -3.50 -11.56
N VAL A 208 11.60 -4.02 -11.42
CA VAL A 208 10.35 -3.28 -11.69
C VAL A 208 9.58 -3.20 -10.42
N ILE A 209 9.28 -1.99 -9.98
CA ILE A 209 8.62 -1.78 -8.69
C ILE A 209 7.26 -1.12 -8.98
N LEU A 210 6.20 -1.68 -8.43
CA LEU A 210 4.83 -1.16 -8.59
C LEU A 210 4.47 -0.34 -7.38
N ALA A 211 4.08 0.90 -7.63
CA ALA A 211 3.76 1.89 -6.58
C ALA A 211 2.61 2.77 -7.02
N VAL A 212 1.61 2.17 -7.72
CA VAL A 212 0.40 2.88 -8.17
C VAL A 212 -0.77 2.57 -7.22
N PRO A 213 -1.77 3.41 -7.22
CA PRO A 213 -3.02 3.06 -6.56
C PRO A 213 -3.72 2.00 -7.40
N LEU A 214 -4.73 1.33 -6.81
CA LEU A 214 -5.66 0.50 -7.57
C LEU A 214 -6.81 1.34 -8.05
N THR A 215 -6.97 1.43 -9.36
CA THR A 215 -8.03 2.12 -10.01
C THR A 215 -8.51 1.27 -11.19
N LYS A 216 -9.59 1.67 -11.85
CA LYS A 216 -9.97 0.97 -13.08
C LYS A 216 -8.87 0.93 -14.09
N GLU A 217 -8.03 1.97 -14.08
CA GLU A 217 -6.97 2.05 -15.04
C GLU A 217 -5.77 1.20 -14.71
N THR A 218 -5.49 0.88 -13.42
CA THR A 218 -4.33 0.09 -13.10
C THR A 218 -4.69 -1.39 -12.81
N MET A 219 -5.98 -1.71 -12.87
CA MET A 219 -6.36 -3.13 -12.60
C MET A 219 -5.76 -4.06 -13.66
N TYR A 220 -5.01 -5.03 -13.17
CA TYR A 220 -4.31 -5.97 -14.05
C TYR A 220 -3.46 -5.34 -15.13
N MET A 221 -2.83 -4.20 -14.79
CA MET A 221 -1.92 -3.60 -15.78
C MET A 221 -0.69 -4.50 -15.96
N ILE A 222 -0.28 -5.26 -14.94
CA ILE A 222 0.81 -6.23 -15.11
C ILE A 222 0.11 -7.57 -15.42
N ASN A 223 -0.08 -7.80 -16.70
CA ASN A 223 -0.77 -8.97 -17.22
C ASN A 223 0.22 -9.87 -17.96
N GLU A 224 -0.27 -10.94 -18.57
CA GLU A 224 0.58 -11.89 -19.17
C GLU A 224 1.42 -11.25 -20.29
N GLU A 225 0.84 -10.44 -21.15
CA GLU A 225 1.65 -9.88 -22.24
C GLU A 225 2.72 -8.91 -21.69
N ARG A 226 2.37 -8.16 -20.65
CA ARG A 226 3.35 -7.22 -20.02
C ARG A 226 4.51 -8.02 -19.37
N LEU A 227 4.19 -9.10 -18.64
CA LEU A 227 5.24 -9.93 -18.06
C LEU A 227 6.20 -10.52 -19.12
N LYS A 228 5.68 -10.89 -20.31
CA LYS A 228 6.51 -11.42 -21.34
C LYS A 228 7.53 -10.41 -21.84
N LEU A 229 7.27 -9.13 -21.64
CA LEU A 229 8.19 -8.08 -22.11
C LEU A 229 9.42 -7.94 -21.19
N MET A 230 9.27 -8.41 -19.97
CA MET A 230 10.31 -8.20 -18.94
C MET A 230 11.51 -9.08 -19.24
N LYS A 231 12.64 -8.74 -18.65
CA LYS A 231 13.86 -9.58 -18.81
C LYS A 231 13.80 -10.86 -18.05
N PRO A 232 14.41 -11.93 -18.54
CA PRO A 232 14.44 -13.17 -17.78
C PRO A 232 15.25 -13.07 -16.47
N THR A 233 16.07 -12.03 -16.36
CA THR A 233 16.84 -11.78 -15.12
C THR A 233 16.15 -10.78 -14.19
N ALA A 234 15.01 -10.26 -14.60
CA ALA A 234 14.37 -9.14 -13.85
C ALA A 234 13.59 -9.59 -12.67
N ILE A 235 13.54 -8.74 -11.65
CA ILE A 235 12.80 -8.96 -10.40
C ILE A 235 11.65 -7.97 -10.35
N LEU A 236 10.46 -8.45 -10.05
CA LEU A 236 9.24 -7.64 -9.86
C LEU A 236 8.94 -7.47 -8.40
N VAL A 237 8.67 -6.25 -7.94
CA VAL A 237 8.21 -5.99 -6.58
C VAL A 237 6.88 -5.30 -6.61
N ASN A 238 5.90 -5.86 -5.90
CA ASN A 238 4.57 -5.25 -5.79
C ASN A 238 4.34 -4.80 -4.36
N ILE A 239 4.41 -3.49 -4.13
CA ILE A 239 3.96 -2.89 -2.84
C ILE A 239 2.71 -2.07 -3.07
N ALA A 240 2.03 -2.19 -4.19
CA ALA A 240 0.92 -1.31 -4.54
C ALA A 240 -0.40 -1.94 -4.05
N ARG A 241 -1.06 -2.71 -4.89
CA ARG A 241 -2.27 -3.46 -4.57
CA ARG A 241 -2.23 -3.49 -4.50
C ARG A 241 -2.19 -4.76 -5.34
N GLY A 242 -2.76 -5.83 -4.75
CA GLY A 242 -2.69 -7.11 -5.41
C GLY A 242 -3.25 -7.17 -6.81
N LYS A 243 -4.38 -6.49 -7.03
CA LYS A 243 -5.05 -6.59 -8.31
C LYS A 243 -4.41 -5.74 -9.43
N VAL A 244 -3.29 -5.08 -9.14
CA VAL A 244 -2.49 -4.48 -10.21
C VAL A 244 -1.83 -5.60 -11.07
N VAL A 245 -1.65 -6.78 -10.46
CA VAL A 245 -0.95 -7.92 -11.09
C VAL A 245 -1.90 -9.10 -11.29
N ASP A 246 -1.90 -9.68 -12.48
CA ASP A 246 -2.62 -10.93 -12.71
C ASP A 246 -1.79 -12.08 -12.12
N THR A 247 -2.17 -12.53 -10.92
CA THR A 247 -1.34 -13.53 -10.21
C THR A 247 -1.19 -14.81 -11.00
N LYS A 248 -2.24 -15.24 -11.73
CA LYS A 248 -2.13 -16.44 -12.54
C LYS A 248 -1.01 -16.30 -13.56
N ALA A 249 -0.94 -15.12 -14.21
CA ALA A 249 0.13 -14.84 -15.19
C ALA A 249 1.47 -14.75 -14.52
N LEU A 250 1.53 -14.16 -13.33
CA LEU A 250 2.79 -14.07 -12.60
C LEU A 250 3.33 -15.47 -12.26
N ILE A 251 2.45 -16.36 -11.81
CA ILE A 251 2.89 -17.74 -11.53
C ILE A 251 3.50 -18.39 -12.77
N LYS A 252 2.85 -18.24 -13.93
CA LYS A 252 3.37 -18.77 -15.19
C LYS A 252 4.74 -18.18 -15.54
N ALA A 253 4.85 -16.86 -15.37
CA ALA A 253 6.12 -16.17 -15.63
C ALA A 253 7.27 -16.71 -14.76
N LEU A 254 6.98 -16.92 -13.48
CA LEU A 254 7.98 -17.41 -12.54
C LEU A 254 8.33 -18.85 -12.83
N LYS A 255 7.33 -19.69 -13.15
CA LYS A 255 7.64 -21.09 -13.42
C LYS A 255 8.37 -21.29 -14.72
N GLU A 256 8.01 -20.50 -15.72
CA GLU A 256 8.60 -20.65 -17.05
C GLU A 256 9.88 -19.84 -17.28
N GLY A 257 10.26 -19.03 -16.28
CA GLY A 257 11.50 -18.27 -16.35
C GLY A 257 11.43 -17.05 -17.23
N TRP A 258 10.23 -16.50 -17.36
CA TRP A 258 10.08 -15.24 -18.09
C TRP A 258 10.69 -14.10 -17.31
N ILE A 259 10.62 -14.18 -15.97
CA ILE A 259 11.33 -13.27 -15.08
C ILE A 259 12.02 -14.10 -14.03
N ALA A 260 12.88 -13.48 -13.26
CA ALA A 260 13.68 -14.25 -12.30
C ALA A 260 13.06 -14.38 -10.93
N GLY A 261 12.22 -13.47 -10.50
CA GLY A 261 11.70 -13.57 -9.15
C GLY A 261 10.73 -12.43 -8.88
N ALA A 262 10.01 -12.53 -7.76
CA ALA A 262 9.08 -11.49 -7.36
C ALA A 262 9.01 -11.38 -5.87
N GLY A 263 8.91 -10.15 -5.38
CA GLY A 263 8.66 -9.84 -3.97
C GLY A 263 7.32 -9.18 -3.81
N LEU A 264 6.42 -9.75 -3.05
CA LEU A 264 5.03 -9.32 -3.03
C LEU A 264 4.58 -9.02 -1.63
N ASP A 265 4.06 -7.82 -1.38
CA ASP A 265 3.46 -7.42 -0.08
C ASP A 265 1.96 -7.41 -0.11
N VAL A 266 1.38 -7.54 -1.30
CA VAL A 266 -0.03 -7.33 -1.51
C VAL A 266 -0.58 -8.37 -2.45
N PHE A 267 -1.85 -8.75 -2.27
CA PHE A 267 -2.45 -9.91 -2.94
C PHE A 267 -3.85 -9.62 -3.36
N GLU A 268 -4.37 -10.42 -4.30
CA GLU A 268 -5.67 -10.13 -4.87
C GLU A 268 -6.77 -10.23 -3.82
N GLU A 269 -6.63 -11.15 -2.88
CA GLU A 269 -7.50 -11.22 -1.70
CA GLU A 269 -7.51 -11.20 -1.69
C GLU A 269 -6.58 -11.29 -0.50
N GLU A 270 -6.97 -10.68 0.62
CA GLU A 270 -6.16 -10.69 1.84
C GLU A 270 -7.07 -11.01 3.03
N PRO A 271 -6.77 -12.04 3.92
CA PRO A 271 -5.51 -12.81 3.69
C PRO A 271 -5.49 -13.66 2.42
N TYR A 272 -4.32 -14.22 2.09
CA TYR A 272 -4.19 -14.95 0.84
C TYR A 272 -3.53 -16.25 1.05
N TYR A 273 -3.98 -17.28 0.30
CA TYR A 273 -3.26 -18.53 0.18
C TYR A 273 -3.30 -18.99 -1.26
N ASN A 274 -2.17 -19.33 -1.83
CA ASN A 274 -2.13 -19.91 -3.19
C ASN A 274 -1.03 -20.96 -3.16
N GLU A 275 -1.38 -22.22 -3.20
CA GLU A 275 -0.41 -23.24 -3.00
C GLU A 275 0.66 -23.18 -4.08
N GLU A 276 0.26 -22.96 -5.32
CA GLU A 276 1.22 -22.95 -6.43
C GLU A 276 2.21 -21.77 -6.27
N LEU A 277 1.73 -20.59 -5.99
CA LEU A 277 2.61 -19.45 -5.83
C LEU A 277 3.54 -19.71 -4.65
N PHE A 278 2.99 -20.23 -3.57
CA PHE A 278 3.74 -20.33 -2.31
C PHE A 278 4.76 -21.46 -2.34
N SER A 279 4.70 -22.34 -3.35
CA SER A 279 5.66 -23.41 -3.52
C SER A 279 6.95 -22.92 -4.20
N LEU A 280 6.98 -21.68 -4.68
CA LEU A 280 8.10 -21.18 -5.50
C LEU A 280 9.19 -20.60 -4.61
N ASP A 281 10.43 -21.00 -4.82
CA ASP A 281 11.48 -20.41 -4.00
CA ASP A 281 11.55 -20.45 -4.08
C ASP A 281 11.98 -19.10 -4.57
N ASN A 282 11.45 -18.65 -5.71
CA ASN A 282 11.84 -17.36 -6.28
C ASN A 282 10.82 -16.27 -6.05
N VAL A 283 9.96 -16.49 -5.05
CA VAL A 283 9.08 -15.44 -4.56
CA VAL A 283 9.10 -15.43 -4.54
C VAL A 283 9.41 -15.20 -3.08
N VAL A 284 9.25 -13.95 -2.69
CA VAL A 284 9.27 -13.51 -1.29
C VAL A 284 7.94 -12.87 -0.97
N LEU A 285 7.37 -13.18 0.17
CA LEU A 285 6.00 -12.80 0.51
C LEU A 285 5.94 -12.10 1.83
N THR A 286 5.19 -11.01 1.93
CA THR A 286 4.92 -10.39 3.23
C THR A 286 3.44 -9.99 3.32
N PRO A 287 2.88 -9.95 4.54
CA PRO A 287 1.43 -9.84 4.68
C PRO A 287 0.95 -8.38 4.73
N HIS A 288 1.16 -7.62 3.68
CA HIS A 288 0.69 -6.24 3.59
C HIS A 288 1.19 -5.43 4.77
N ILE A 289 2.50 -5.44 4.95
CA ILE A 289 3.19 -4.75 6.05
C ILE A 289 4.08 -3.61 5.57
N GLY A 290 3.83 -3.13 4.34
CA GLY A 290 4.67 -2.01 3.86
C GLY A 290 4.73 -0.84 4.77
N SER A 291 3.63 -0.43 5.39
CA SER A 291 3.61 0.75 6.27
C SER A 291 3.80 0.42 7.72
N ALA A 292 4.21 -0.82 8.00
CA ALA A 292 4.26 -1.27 9.40
C ALA A 292 5.57 -0.92 10.11
N THR A 293 5.69 0.37 10.46
CA THR A 293 6.67 0.83 11.39
C THR A 293 5.98 1.51 12.57
N PHE A 294 6.62 1.45 13.75
CA PHE A 294 6.02 2.11 14.89
C PHE A 294 5.76 3.57 14.60
N GLU A 295 6.72 4.23 13.97
CA GLU A 295 6.54 5.66 13.76
C GLU A 295 5.47 5.96 12.71
N ALA A 296 5.39 5.20 11.65
CA ALA A 296 4.36 5.47 10.64
C ALA A 296 3.01 5.27 11.26
N ARG A 297 2.82 4.16 11.98
N ARG A 297 2.81 4.25 12.07
CA ARG A 297 1.61 3.96 12.80
CA ARG A 297 1.47 4.02 12.55
C ARG A 297 1.10 5.14 13.54
C ARG A 297 1.06 5.11 13.60
N GLU A 298 1.99 5.65 14.38
CA GLU A 298 1.69 6.76 15.25
CA GLU A 298 1.69 6.75 15.26
C GLU A 298 1.33 8.00 14.45
N ALA A 299 2.13 8.27 13.39
CA ALA A 299 1.90 9.47 12.60
C ALA A 299 0.58 9.37 11.80
N MET A 300 0.26 8.17 11.36
CA MET A 300 -1.06 7.96 10.72
C MET A 300 -2.20 8.23 11.66
N ALA A 301 -2.05 7.82 12.94
CA ALA A 301 -3.11 8.05 13.93
C ALA A 301 -3.30 9.54 14.22
N GLU A 302 -2.18 10.25 14.35
CA GLU A 302 -2.26 11.69 14.52
CA GLU A 302 -2.20 11.70 14.50
C GLU A 302 -2.94 12.41 13.36
N LEU A 303 -2.61 11.91 12.17
CA LEU A 303 -3.12 12.57 10.95
C LEU A 303 -4.62 12.32 10.78
N VAL A 304 -5.07 11.10 11.04
CA VAL A 304 -6.53 10.88 11.05
C VAL A 304 -7.21 11.79 12.03
N ALA A 305 -6.69 11.90 13.25
CA ALA A 305 -7.29 12.78 14.23
C ALA A 305 -7.34 14.25 13.77
N ARG A 306 -6.21 14.72 13.21
CA ARG A 306 -6.10 16.11 12.73
C ARG A 306 -7.15 16.35 11.69
N ASN A 307 -7.35 15.44 10.74
CA ASN A 307 -8.38 15.61 9.73
C ASN A 307 -9.79 15.77 10.31
N LEU A 308 -10.14 14.88 11.24
CA LEU A 308 -11.49 14.92 11.79
C LEU A 308 -11.69 16.16 12.65
N ILE A 309 -10.67 16.57 13.39
CA ILE A 309 -10.79 17.76 14.22
C ILE A 309 -10.84 19.01 13.36
N ALA A 310 -10.05 19.09 12.28
CA ALA A 310 -10.14 20.23 11.38
C ALA A 310 -11.56 20.32 10.82
N PHE A 311 -12.11 19.17 10.41
CA PHE A 311 -13.47 19.15 9.86
C PHE A 311 -14.48 19.67 10.89
N LYS A 312 -14.35 19.21 12.12
CA LYS A 312 -15.27 19.69 13.18
C LYS A 312 -15.26 21.22 13.28
N ARG A 313 -14.05 21.80 13.14
CA ARG A 313 -13.86 23.23 13.25
C ARG A 313 -14.26 24.03 12.01
N GLY A 314 -14.81 23.33 11.03
CA GLY A 314 -15.26 23.97 9.80
C GLY A 314 -14.13 24.28 8.85
N GLU A 315 -13.02 23.60 9.01
CA GLU A 315 -11.84 23.78 8.13
C GLU A 315 -11.81 22.64 7.12
N ILE A 316 -11.16 22.93 5.99
CA ILE A 316 -10.94 21.88 5.02
C ILE A 316 -9.87 20.91 5.61
N PRO A 317 -10.17 19.64 5.65
CA PRO A 317 -9.22 18.66 6.21
C PRO A 317 -7.94 18.64 5.38
N PRO A 318 -6.77 18.58 6.01
CA PRO A 318 -5.50 18.68 5.31
C PRO A 318 -5.17 17.60 4.27
N THR A 319 -5.77 16.39 4.42
CA THR A 319 -5.52 15.36 3.44
C THR A 319 -6.84 14.86 2.84
N LEU A 320 -7.69 15.80 2.51
CA LEU A 320 -8.89 15.55 1.77
C LEU A 320 -8.57 15.00 0.37
N VAL A 321 -9.21 13.90 0.00
N VAL A 321 -9.15 13.86 -0.06
CA VAL A 321 -8.97 13.29 -1.30
CA VAL A 321 -8.90 13.25 -1.36
C VAL A 321 -9.99 13.71 -2.36
C VAL A 321 -9.93 13.67 -2.42
N ASN A 322 -11.19 14.09 -1.94
CA ASN A 322 -12.24 14.48 -2.88
C ASN A 322 -12.55 15.96 -2.79
N LYS A 323 -11.69 16.79 -3.38
CA LYS A 323 -11.88 18.23 -3.25
C LYS A 323 -13.17 18.76 -3.84
N GLU A 324 -13.74 18.03 -4.80
CA GLU A 324 -15.03 18.47 -5.35
C GLU A 324 -16.15 18.55 -4.28
N VAL A 325 -15.98 17.81 -3.19
CA VAL A 325 -17.03 17.80 -2.19
C VAL A 325 -17.21 19.17 -1.52
N ILE A 326 -16.18 20.01 -1.53
CA ILE A 326 -16.26 21.29 -0.80
C ILE A 326 -17.36 22.16 -1.34
N LYS A 327 -17.53 22.20 -2.67
CA LYS A 327 -18.54 23.03 -3.28
C LYS A 327 -19.92 22.38 -3.09
N ILE A 328 -19.94 21.10 -2.73
CA ILE A 328 -21.21 20.42 -2.50
C ILE A 328 -21.78 20.65 -1.11
N ARG A 329 -20.88 20.64 -0.12
CA ARG A 329 -21.27 20.91 1.26
C ARG A 329 -20.05 21.40 2.00
N LYS A 330 -20.22 22.52 2.72
CA LYS A 330 -19.11 23.04 3.51
C LYS A 330 -18.81 22.15 4.72
N PRO A 331 -17.61 22.27 5.25
CA PRO A 331 -17.23 21.37 6.33
C PRO A 331 -17.88 21.66 7.66
N GLY A 332 -17.98 20.59 8.48
CA GLY A 332 -18.52 20.69 9.83
C GLY A 332 -19.73 19.80 10.06
N PHE A 333 -20.10 19.67 11.33
CA PHE A 333 -21.24 18.87 11.70
C PHE A 333 -22.47 19.74 11.95
N ASN A 334 -23.67 19.17 11.81
CA ASN A 334 -24.92 19.89 12.11
C ASN A 334 -25.76 19.10 13.10
#